data_5EB3
#
_entry.id   5EB3
#
_cell.length_a   120.236
_cell.length_b   120.236
_cell.length_c   84.993
_cell.angle_alpha   90.000
_cell.angle_beta   90.000
_cell.angle_gamma   90.000
#
_symmetry.space_group_name_H-M   'P 43 21 2'
#
loop_
_entity.id
_entity.type
_entity.pdbx_description
1 polymer YfiR
2 non-polymer 'SULFATE ION'
3 non-polymer 4,5-bis(hydroxymethyl)-2-methyl-pyridin-3-ol
4 water water
#
_entity_poly.entity_id   1
_entity_poly.type   'polypeptide(L)'
_entity_poly.pdbx_seq_one_letter_code
;GNSDDARTSIEQRSNAVSQVLLGIFSYVRWPKEPAVLQLCVVGPTEYADGLLRGMVQANGRRVHAERRAVDNPDLGTLCN
VIYLGVVDERERQQVFRSLAGHPVLSISERGTECSVGSMFCLNVGGPRITFEANLDSIARSGVRVHPSVLKLARRQATP
;
_entity_poly.pdbx_strand_id   A,B
#
loop_
_chem_comp.id
_chem_comp.type
_chem_comp.name
_chem_comp.formula
SO4 non-polymer 'SULFATE ION' 'O4 S -2'
UEG non-polymer 4,5-bis(hydroxymethyl)-2-methyl-pyridin-3-ol 'C8 H11 N O3'
#
# COMPACT_ATOMS: atom_id res chain seq x y z
N ARG A 7 11.10 16.90 -7.02
CA ARG A 7 9.84 16.32 -6.58
C ARG A 7 9.90 15.82 -5.13
N THR A 8 8.76 15.39 -4.62
CA THR A 8 8.59 14.98 -3.23
C THR A 8 8.93 13.49 -2.98
N SER A 9 9.36 13.18 -1.76
CA SER A 9 9.60 11.80 -1.33
C SER A 9 8.31 11.05 -0.94
N ILE A 10 8.36 9.71 -0.83
CA ILE A 10 7.17 8.93 -0.48
C ILE A 10 6.71 9.23 0.93
N GLU A 11 7.66 9.34 1.86
CA GLU A 11 7.28 9.57 3.24
C GLU A 11 6.78 11.00 3.44
N GLN A 12 7.27 11.91 2.61
CA GLN A 12 6.77 13.27 2.64
C GLN A 12 5.33 13.28 2.18
N ARG A 13 5.04 12.59 1.07
CA ARG A 13 3.70 12.51 0.53
C ARG A 13 2.73 11.85 1.51
N SER A 14 3.20 10.79 2.15
CA SER A 14 2.39 10.08 3.13
C SER A 14 1.99 11.00 4.27
N ASN A 15 2.96 11.78 4.75
CA ASN A 15 2.70 12.69 5.84
C ASN A 15 1.73 13.78 5.39
N ALA A 16 1.90 14.25 4.15
CA ALA A 16 0.99 15.23 3.59
C ALA A 16 -0.42 14.65 3.41
N VAL A 17 -0.50 13.38 2.99
CA VAL A 17 -1.79 12.69 2.91
C VAL A 17 -2.51 12.70 4.26
N SER A 18 -1.76 12.46 5.33
CA SER A 18 -2.33 12.56 6.67
C SER A 18 -3.01 13.92 6.88
N GLN A 19 -2.30 14.99 6.53
CA GLN A 19 -2.81 16.31 6.81
C GLN A 19 -4.00 16.68 5.92
N VAL A 20 -3.98 16.26 4.65
CA VAL A 20 -5.14 16.49 3.80
C VAL A 20 -6.37 15.73 4.33
N LEU A 21 -6.16 14.48 4.73
CA LEU A 21 -7.26 13.73 5.35
C LEU A 21 -7.82 14.40 6.61
N LEU A 22 -6.95 14.90 7.48
CA LEU A 22 -7.44 15.58 8.68
C LEU A 22 -8.26 16.79 8.27
N GLY A 23 -7.78 17.48 7.24
CA GLY A 23 -8.50 18.63 6.70
C GLY A 23 -9.88 18.22 6.22
N ILE A 24 -9.96 17.12 5.47
CA ILE A 24 -11.24 16.65 4.97
C ILE A 24 -12.14 16.25 6.13
N PHE A 25 -11.60 15.50 7.11
CA PHE A 25 -12.39 15.04 8.24
C PHE A 25 -13.10 16.21 8.91
N SER A 26 -12.41 17.35 8.97
CA SER A 26 -12.92 18.51 9.70
C SER A 26 -14.21 19.06 9.09
N TYR A 27 -14.51 18.72 7.84
CA TYR A 27 -15.73 19.19 7.18
C TYR A 27 -16.87 18.15 7.20
N VAL A 28 -16.63 17.02 7.85
CA VAL A 28 -17.55 15.90 7.85
C VAL A 28 -18.13 15.66 9.23
N ARG A 29 -19.40 15.25 9.28
CA ARG A 29 -20.07 14.98 10.56
C ARG A 29 -20.81 13.66 10.49
N TRP A 30 -20.55 12.78 11.45
CA TRP A 30 -21.23 11.49 11.54
C TRP A 30 -22.46 11.67 12.42
N PRO A 31 -23.56 10.96 12.11
CA PRO A 31 -24.83 11.14 12.82
C PRO A 31 -24.66 10.87 14.31
N LYS A 32 -23.94 9.79 14.63
CA LYS A 32 -23.57 9.52 16.01
C LYS A 32 -22.04 9.56 16.13
N GLU A 33 -21.52 10.75 16.43
CA GLU A 33 -20.07 10.95 16.55
C GLU A 33 -19.41 10.03 17.56
N PRO A 34 -18.53 9.15 17.09
CA PRO A 34 -17.86 8.20 17.99
C PRO A 34 -16.77 8.90 18.78
N ALA A 35 -16.35 8.30 19.89
CA ALA A 35 -15.32 8.89 20.74
C ALA A 35 -13.95 8.76 20.07
N VAL A 36 -13.76 7.63 19.39
CA VAL A 36 -12.60 7.41 18.55
C VAL A 36 -13.06 7.16 17.12
N LEU A 37 -12.52 7.92 16.18
CA LEU A 37 -12.87 7.78 14.77
C LEU A 37 -12.14 6.56 14.21
N GLN A 38 -12.87 5.61 13.64
CA GLN A 38 -12.25 4.40 13.10
C GLN A 38 -11.98 4.52 11.61
N LEU A 39 -10.72 4.39 11.24
CA LEU A 39 -10.30 4.50 9.85
C LEU A 39 -9.81 3.14 9.38
N CYS A 40 -10.28 2.73 8.21
CA CYS A 40 -9.91 1.45 7.64
C CYS A 40 -9.21 1.70 6.32
N VAL A 41 -7.99 1.18 6.20
CA VAL A 41 -7.25 1.22 4.95
C VAL A 41 -7.54 -0.10 4.24
N VAL A 42 -8.04 -0.01 3.00
CA VAL A 42 -8.52 -1.19 2.30
C VAL A 42 -7.87 -1.32 0.93
N GLY A 43 -7.19 -2.45 0.70
CA GLY A 43 -6.51 -2.66 -0.57
C GLY A 43 -5.11 -2.13 -0.50
N PRO A 44 -4.30 -2.37 -1.55
CA PRO A 44 -2.91 -1.93 -1.61
C PRO A 44 -2.81 -0.41 -1.62
N THR A 45 -1.96 0.15 -0.75
CA THR A 45 -1.75 1.60 -0.69
C THR A 45 -0.27 1.94 -0.68
N GLU A 46 0.05 3.10 -1.22
CA GLU A 46 1.43 3.52 -1.32
C GLU A 46 1.68 4.65 -0.31
N TYR A 47 0.61 5.34 0.08
CA TYR A 47 0.74 6.58 0.85
C TYR A 47 0.00 6.59 2.18
N ALA A 48 -0.26 5.40 2.74
CA ALA A 48 -1.13 5.28 3.90
C ALA A 48 -0.34 4.97 5.18
N ASP A 49 0.98 4.90 5.07
CA ASP A 49 1.80 4.54 6.22
C ASP A 49 1.69 5.56 7.33
N GLY A 50 1.54 6.83 6.96
CA GLY A 50 1.30 7.89 7.93
C GLY A 50 -0.03 7.73 8.66
N LEU A 51 -1.14 7.60 7.90
CA LEU A 51 -2.46 7.33 8.48
C LEU A 51 -2.38 6.18 9.48
N LEU A 52 -1.67 5.14 9.10
CA LEU A 52 -1.66 3.92 9.90
C LEU A 52 -0.96 4.07 11.25
N ARG A 53 -0.24 5.18 11.44
CA ARG A 53 0.36 5.49 12.74
C ARG A 53 -0.70 5.96 13.74
N GLY A 54 -1.92 6.18 13.26
CA GLY A 54 -2.94 6.86 14.06
C GLY A 54 -2.83 8.37 13.91
N MET A 55 -3.94 9.07 13.94
CA MET A 55 -3.92 10.52 13.89
C MET A 55 -4.70 11.14 15.03
N VAL A 56 -4.56 12.44 15.23
CA VAL A 56 -5.40 13.14 16.17
C VAL A 56 -5.99 14.40 15.52
N GLN A 57 -7.30 14.57 15.65
CA GLN A 57 -7.95 15.77 15.13
C GLN A 57 -7.78 16.93 16.11
N ALA A 58 -8.04 18.13 15.62
CA ALA A 58 -7.85 19.34 16.41
C ALA A 58 -8.59 19.34 17.75
N ASN A 59 -9.74 18.66 17.81
CA ASN A 59 -10.51 18.64 19.03
C ASN A 59 -9.98 17.59 20.00
N GLY A 60 -9.01 16.81 19.56
CA GLY A 60 -8.42 15.82 20.42
C GLY A 60 -8.97 14.43 20.21
N ARG A 61 -9.94 14.31 19.30
CA ARG A 61 -10.43 12.98 18.97
C ARG A 61 -9.38 12.22 18.18
N ARG A 62 -9.13 10.98 18.60
CA ARG A 62 -8.15 10.15 17.94
C ARG A 62 -8.75 9.42 16.76
N VAL A 63 -7.92 9.24 15.74
CA VAL A 63 -8.28 8.41 14.61
C VAL A 63 -7.44 7.14 14.72
N HIS A 64 -8.11 6.02 14.96
CA HIS A 64 -7.45 4.74 15.00
C HIS A 64 -7.49 4.13 13.63
N ALA A 65 -6.31 3.81 13.09
CA ALA A 65 -6.25 3.28 11.74
C ALA A 65 -5.72 1.86 11.71
N GLU A 66 -6.33 1.02 10.88
CA GLU A 66 -5.77 -0.30 10.58
C GLU A 66 -6.19 -0.76 9.19
N ARG A 67 -5.38 -1.63 8.58
CA ARG A 67 -5.75 -2.20 7.30
C ARG A 67 -6.80 -3.28 7.53
N ARG A 68 -7.75 -3.38 6.60
CA ARG A 68 -8.74 -4.44 6.64
C ARG A 68 -8.94 -5.00 5.26
N ALA A 69 -9.43 -6.24 5.19
CA ALA A 69 -9.57 -6.94 3.93
C ALA A 69 -10.70 -6.35 3.09
N VAL A 70 -10.48 -6.34 1.78
CA VAL A 70 -11.49 -5.96 0.80
C VAL A 70 -12.83 -6.70 1.01
N ASP A 71 -12.75 -8.00 1.26
CA ASP A 71 -13.95 -8.80 1.35
C ASP A 71 -14.53 -8.89 2.77
N ASN A 72 -14.08 -8.02 3.66
CA ASN A 72 -14.70 -7.98 4.99
C ASN A 72 -16.11 -7.38 4.88
N PRO A 73 -17.13 -8.21 5.12
CA PRO A 73 -18.50 -7.75 4.92
C PRO A 73 -18.91 -6.69 5.93
N ASP A 74 -18.14 -6.53 6.99
CA ASP A 74 -18.55 -5.61 8.04
C ASP A 74 -17.81 -4.28 8.01
N LEU A 75 -17.21 -3.96 6.87
CA LEU A 75 -16.51 -2.69 6.72
C LEU A 75 -17.40 -1.51 7.12
N GLY A 76 -18.66 -1.55 6.69
CA GLY A 76 -19.59 -0.46 6.93
C GLY A 76 -19.85 -0.20 8.40
N THR A 77 -19.67 -1.25 9.20
CA THR A 77 -19.97 -1.23 10.62
C THR A 77 -18.69 -0.96 11.44
N LEU A 78 -17.58 -1.52 10.98
CA LEU A 78 -16.29 -1.41 11.66
C LEU A 78 -15.55 -0.10 11.39
N CYS A 79 -15.94 0.61 10.33
CA CYS A 79 -15.18 1.77 9.88
C CYS A 79 -16.03 3.03 9.81
N ASN A 80 -15.48 4.14 10.30
CA ASN A 80 -16.13 5.44 10.13
C ASN A 80 -15.61 6.06 8.84
N VAL A 81 -14.39 5.70 8.50
CA VAL A 81 -13.71 6.23 7.31
C VAL A 81 -13.10 5.06 6.56
N ILE A 82 -13.13 5.12 5.23
CA ILE A 82 -12.44 4.17 4.38
C ILE A 82 -11.40 4.92 3.57
N TYR A 83 -10.14 4.52 3.70
CA TYR A 83 -9.13 5.00 2.77
C TYR A 83 -8.97 3.88 1.74
N LEU A 84 -9.49 4.10 0.54
CA LEU A 84 -9.51 3.07 -0.49
C LEU A 84 -8.22 3.04 -1.31
N GLY A 85 -7.60 1.87 -1.35
CA GLY A 85 -6.39 1.69 -2.13
C GLY A 85 -6.67 1.27 -3.56
N VAL A 86 -5.67 0.66 -4.19
CA VAL A 86 -5.74 0.34 -5.60
C VAL A 86 -6.25 -1.09 -5.81
N VAL A 87 -7.57 -1.22 -5.92
CA VAL A 87 -8.22 -2.53 -6.03
C VAL A 87 -8.89 -2.68 -7.40
N ASP A 88 -9.36 -3.89 -7.71
CA ASP A 88 -9.98 -4.14 -9.01
C ASP A 88 -11.48 -3.82 -9.00
N GLU A 89 -12.12 -3.93 -10.15
CA GLU A 89 -13.53 -3.61 -10.28
C GLU A 89 -14.41 -4.42 -9.30
N ARG A 90 -14.20 -5.73 -9.27
CA ARG A 90 -14.98 -6.61 -8.40
C ARG A 90 -14.75 -6.27 -6.93
N GLU A 91 -13.50 -6.09 -6.55
CA GLU A 91 -13.14 -5.73 -5.18
C GLU A 91 -13.79 -4.42 -4.77
N ARG A 92 -13.74 -3.43 -5.65
CA ARG A 92 -14.33 -2.14 -5.35
C ARG A 92 -15.83 -2.28 -5.11
N GLN A 93 -16.51 -2.99 -6.01
CA GLN A 93 -17.95 -3.21 -5.88
C GLN A 93 -18.30 -3.82 -4.53
N GLN A 94 -17.53 -4.82 -4.11
CA GLN A 94 -17.68 -5.44 -2.78
C GLN A 94 -17.63 -4.39 -1.69
N VAL A 95 -16.60 -3.54 -1.76
CA VAL A 95 -16.36 -2.54 -0.73
C VAL A 95 -17.55 -1.59 -0.57
N PHE A 96 -18.03 -1.06 -1.70
CA PHE A 96 -19.09 -0.07 -1.64
C PHE A 96 -20.44 -0.66 -1.37
N ARG A 97 -20.60 -1.94 -1.72
CA ARG A 97 -21.80 -2.66 -1.35
C ARG A 97 -21.83 -2.83 0.16
N SER A 98 -20.65 -3.03 0.77
CA SER A 98 -20.54 -3.15 2.22
C SER A 98 -20.86 -1.85 2.95
N LEU A 99 -20.46 -0.72 2.37
CA LEU A 99 -20.68 0.58 3.00
C LEU A 99 -22.11 1.13 2.82
N ALA A 100 -22.83 0.58 1.85
CA ALA A 100 -24.17 1.08 1.54
C ALA A 100 -25.08 1.05 2.76
N GLY A 101 -25.70 2.18 3.08
CA GLY A 101 -26.63 2.24 4.19
C GLY A 101 -25.94 2.44 5.51
N HIS A 102 -24.61 2.59 5.47
CA HIS A 102 -23.86 2.89 6.67
C HIS A 102 -23.22 4.27 6.56
N PRO A 103 -23.16 5.00 7.67
CA PRO A 103 -22.57 6.35 7.63
C PRO A 103 -21.04 6.30 7.56
N VAL A 104 -20.52 6.18 6.34
CA VAL A 104 -19.07 6.03 6.15
C VAL A 104 -18.48 7.05 5.17
N LEU A 105 -17.40 7.72 5.58
CA LEU A 105 -16.65 8.61 4.70
C LEU A 105 -15.66 7.78 3.91
N SER A 106 -15.63 7.96 2.60
CA SER A 106 -14.70 7.20 1.76
C SER A 106 -13.76 8.15 1.02
N ILE A 107 -12.47 7.85 1.11
CA ILE A 107 -11.43 8.58 0.39
C ILE A 107 -10.53 7.60 -0.36
N SER A 108 -10.24 7.89 -1.62
CA SER A 108 -9.39 7.01 -2.42
C SER A 108 -8.00 7.59 -2.62
N GLU A 109 -6.98 6.72 -2.62
CA GLU A 109 -5.61 7.15 -2.83
C GLU A 109 -5.42 7.65 -4.26
N ARG A 110 -6.22 7.11 -5.20
CA ARG A 110 -6.09 7.50 -6.60
C ARG A 110 -7.34 8.18 -7.16
N GLY A 111 -7.14 9.06 -8.15
CA GLY A 111 -8.20 9.96 -8.61
C GLY A 111 -9.28 9.31 -9.45
N THR A 112 -9.08 8.03 -9.78
CA THR A 112 -9.97 7.31 -10.68
C THR A 112 -11.28 6.92 -10.02
N GLU A 113 -11.26 6.84 -8.69
CA GLU A 113 -12.36 6.20 -7.95
C GLU A 113 -13.56 7.09 -7.66
N CYS A 114 -13.47 8.37 -8.01
CA CYS A 114 -14.59 9.27 -7.82
C CYS A 114 -15.73 8.90 -8.77
N SER A 115 -15.39 8.16 -9.82
CA SER A 115 -16.39 7.73 -10.79
C SER A 115 -17.18 6.52 -10.33
N VAL A 116 -16.71 5.86 -9.28
CA VAL A 116 -17.18 4.51 -8.99
C VAL A 116 -17.63 4.24 -7.55
N GLY A 117 -17.56 5.24 -6.68
CA GLY A 117 -18.11 5.08 -5.35
C GLY A 117 -17.46 5.88 -4.24
N SER A 118 -16.21 6.27 -4.44
CA SER A 118 -15.51 7.00 -3.40
C SER A 118 -16.02 8.43 -3.31
N MET A 119 -16.17 8.95 -2.10
CA MET A 119 -16.65 10.32 -1.93
C MET A 119 -15.59 11.34 -2.32
N PHE A 120 -14.35 11.10 -1.90
CA PHE A 120 -13.21 11.94 -2.24
C PHE A 120 -12.10 11.12 -2.89
N CYS A 121 -11.40 11.72 -3.85
CA CYS A 121 -10.36 11.02 -4.58
C CYS A 121 -9.09 11.85 -4.63
N LEU A 122 -8.02 11.33 -4.05
CA LEU A 122 -6.77 12.08 -4.00
C LEU A 122 -5.99 11.97 -5.29
N ASN A 123 -5.28 13.04 -5.63
CA ASN A 123 -4.22 12.99 -6.62
C ASN A 123 -2.92 13.31 -5.90
N VAL A 124 -2.13 12.28 -5.60
CA VAL A 124 -0.96 12.43 -4.75
C VAL A 124 0.30 12.91 -5.47
N GLY A 125 0.52 12.46 -6.71
CA GLY A 125 1.63 13.02 -7.48
C GLY A 125 1.47 14.51 -7.70
N GLY A 126 2.57 15.19 -8.01
CA GLY A 126 2.55 16.63 -8.18
C GLY A 126 3.14 17.36 -6.99
N PRO A 127 3.15 18.70 -7.06
CA PRO A 127 3.69 19.54 -5.96
C PRO A 127 2.84 19.50 -4.70
N ARG A 128 1.51 19.58 -4.85
CA ARG A 128 0.61 19.43 -3.71
C ARG A 128 -0.31 18.23 -3.94
N ILE A 129 -0.85 17.69 -2.87
CA ILE A 129 -1.91 16.71 -2.97
C ILE A 129 -3.24 17.41 -3.21
N THR A 130 -3.89 17.09 -4.33
CA THR A 130 -5.16 17.69 -4.64
C THR A 130 -6.22 16.60 -4.53
N PHE A 131 -7.49 16.98 -4.60
CA PHE A 131 -8.54 15.95 -4.60
C PHE A 131 -9.80 16.42 -5.29
N GLU A 132 -10.60 15.46 -5.71
CA GLU A 132 -11.89 15.74 -6.31
C GLU A 132 -12.93 14.98 -5.52
N ALA A 133 -14.20 15.30 -5.74
CA ALA A 133 -15.26 14.68 -4.97
C ALA A 133 -16.43 14.31 -5.87
N ASN A 134 -17.30 13.43 -5.38
CA ASN A 134 -18.47 13.02 -6.13
C ASN A 134 -19.76 13.22 -5.34
N LEU A 135 -20.66 14.08 -5.84
CA LEU A 135 -21.88 14.41 -5.10
C LEU A 135 -22.83 13.24 -4.90
N ASP A 136 -22.92 12.35 -5.89
CA ASP A 136 -23.78 11.17 -5.78
C ASP A 136 -23.35 10.35 -4.56
N SER A 137 -22.10 9.92 -4.56
CA SER A 137 -21.53 9.11 -3.49
C SER A 137 -21.60 9.82 -2.13
N ILE A 138 -21.40 11.12 -2.13
CA ILE A 138 -21.55 11.90 -0.92
C ILE A 138 -22.99 11.86 -0.36
N ALA A 139 -23.97 12.08 -1.24
CA ALA A 139 -25.39 12.12 -0.87
C ALA A 139 -25.85 10.83 -0.18
N ARG A 140 -25.39 9.69 -0.70
CA ARG A 140 -25.83 8.38 -0.22
C ARG A 140 -24.98 7.89 0.94
N SER A 141 -24.02 8.69 1.37
CA SER A 141 -22.96 8.23 2.28
C SER A 141 -23.41 8.00 3.72
N GLY A 142 -24.47 8.68 4.13
CA GLY A 142 -24.91 8.62 5.52
C GLY A 142 -24.23 9.64 6.42
N VAL A 143 -23.27 10.40 5.89
CA VAL A 143 -22.65 11.45 6.68
C VAL A 143 -22.90 12.79 6.04
N ARG A 144 -22.66 13.87 6.77
CA ARG A 144 -22.81 15.21 6.21
C ARG A 144 -21.45 15.79 5.88
N VAL A 145 -21.35 16.38 4.69
CA VAL A 145 -20.12 17.02 4.27
C VAL A 145 -20.42 18.48 4.01
N HIS A 146 -19.76 19.37 4.74
CA HIS A 146 -19.87 20.80 4.47
C HIS A 146 -19.20 21.12 3.14
N PRO A 147 -19.92 21.84 2.28
CA PRO A 147 -19.44 22.19 0.94
C PRO A 147 -18.12 22.97 0.99
N SER A 148 -17.81 23.54 2.15
CA SER A 148 -16.55 24.27 2.34
C SER A 148 -15.33 23.40 2.15
N VAL A 149 -15.53 22.08 2.14
CA VAL A 149 -14.43 21.13 2.00
C VAL A 149 -13.65 21.43 0.72
N LEU A 150 -14.35 21.95 -0.30
CA LEU A 150 -13.69 22.29 -1.56
C LEU A 150 -12.81 23.55 -1.48
N LYS A 151 -12.87 24.27 -0.36
CA LYS A 151 -11.97 25.40 -0.15
C LYS A 151 -10.56 24.83 0.01
N LEU A 152 -10.48 23.68 0.67
CA LEU A 152 -9.22 22.97 0.86
C LEU A 152 -8.72 22.43 -0.47
N ALA A 153 -9.61 21.88 -1.28
CA ALA A 153 -9.19 21.32 -2.57
C ALA A 153 -8.66 22.41 -3.50
N ARG A 154 -9.38 23.54 -3.53
CA ARG A 154 -9.03 24.65 -4.43
C ARG A 154 -7.68 25.25 -4.06
N ARG A 155 -7.46 25.42 -2.77
CA ARG A 155 -6.20 25.99 -2.31
C ARG A 155 -5.04 25.01 -2.52
N GLN A 156 -5.32 23.71 -2.40
CA GLN A 156 -4.32 22.71 -2.69
C GLN A 156 -3.95 22.73 -4.18
N ALA A 157 -4.93 22.96 -5.05
CA ALA A 157 -4.71 22.98 -6.49
C ALA A 157 -4.12 24.30 -7.00
N THR A 158 -3.93 25.27 -6.10
CA THR A 158 -3.41 26.58 -6.44
C THR A 158 -1.94 26.76 -6.05
N PRO A 159 -1.07 27.03 -7.04
CA PRO A 159 0.36 27.33 -6.83
C PRO A 159 0.58 28.38 -5.75
N ARG B 7 -5.85 -8.00 16.18
CA ARG B 7 -5.03 -8.25 14.99
C ARG B 7 -5.88 -8.66 13.77
N THR B 8 -6.00 -7.77 12.79
CA THR B 8 -6.73 -8.05 11.54
C THR B 8 -6.08 -9.17 10.70
N SER B 9 -6.83 -9.70 9.73
CA SER B 9 -6.29 -10.75 8.88
C SER B 9 -5.22 -10.16 7.96
N ILE B 10 -5.31 -8.86 7.68
CA ILE B 10 -4.26 -8.22 6.90
C ILE B 10 -2.98 -8.16 7.72
N GLU B 11 -3.12 -7.97 9.03
CA GLU B 11 -1.95 -7.92 9.88
C GLU B 11 -1.30 -9.29 10.05
N GLN B 12 -2.12 -10.33 10.28
CA GLN B 12 -1.61 -11.70 10.35
C GLN B 12 -0.82 -12.01 9.09
N ARG B 13 -1.44 -11.82 7.94
CA ARG B 13 -0.81 -12.08 6.66
C ARG B 13 0.48 -11.29 6.48
N SER B 14 0.45 -10.03 6.89
CA SER B 14 1.62 -9.15 6.76
C SER B 14 2.81 -9.75 7.51
N ASN B 15 2.55 -10.26 8.70
CA ASN B 15 3.61 -10.90 9.46
C ASN B 15 4.07 -12.18 8.76
N ALA B 16 3.14 -12.95 8.22
CA ALA B 16 3.50 -14.13 7.45
C ALA B 16 4.35 -13.76 6.23
N VAL B 17 3.95 -12.70 5.52
CA VAL B 17 4.74 -12.22 4.39
C VAL B 17 6.17 -11.92 4.83
N SER B 18 6.31 -11.29 5.98
CA SER B 18 7.62 -11.04 6.56
C SER B 18 8.41 -12.33 6.71
N GLN B 19 7.77 -13.34 7.30
CA GLN B 19 8.42 -14.61 7.54
C GLN B 19 8.78 -15.35 6.27
N VAL B 20 7.84 -15.38 5.31
CA VAL B 20 8.14 -15.99 4.02
C VAL B 20 9.34 -15.32 3.37
N LEU B 21 9.37 -13.99 3.40
CA LEU B 21 10.48 -13.23 2.82
C LEU B 21 11.82 -13.54 3.46
N LEU B 22 11.87 -13.60 4.79
CA LEU B 22 13.10 -13.95 5.48
C LEU B 22 13.58 -15.31 4.99
N GLY B 23 12.64 -16.24 4.86
CA GLY B 23 12.95 -17.57 4.36
C GLY B 23 13.58 -17.52 2.97
N ILE B 24 12.96 -16.77 2.07
CA ILE B 24 13.51 -16.66 0.73
C ILE B 24 14.90 -16.02 0.78
N PHE B 25 15.05 -14.95 1.56
CA PHE B 25 16.34 -14.26 1.66
C PHE B 25 17.48 -15.23 1.99
N SER B 26 17.22 -16.19 2.88
CA SER B 26 18.25 -17.13 3.31
C SER B 26 18.86 -17.98 2.18
N TYR B 27 18.20 -18.04 1.02
CA TYR B 27 18.72 -18.82 -0.12
C TYR B 27 19.39 -17.95 -1.15
N VAL B 28 19.49 -16.66 -0.84
CA VAL B 28 20.03 -15.70 -1.78
C VAL B 28 21.38 -15.20 -1.31
N ARG B 29 22.30 -15.05 -2.25
CA ARG B 29 23.60 -14.53 -1.94
C ARG B 29 23.94 -13.37 -2.89
N TRP B 30 24.40 -12.27 -2.32
CA TRP B 30 24.81 -11.11 -3.09
C TRP B 30 26.31 -11.17 -3.36
N PRO B 31 26.76 -10.64 -4.51
CA PRO B 31 28.18 -10.62 -4.87
C PRO B 31 28.99 -9.99 -3.74
N LYS B 32 28.61 -8.78 -3.34
CA LYS B 32 29.19 -8.17 -2.15
C LYS B 32 28.12 -7.99 -1.08
N GLU B 33 28.24 -8.77 0.00
CA GLU B 33 27.22 -8.79 1.04
C GLU B 33 27.24 -7.53 1.89
N PRO B 34 26.16 -6.76 1.87
CA PRO B 34 26.12 -5.54 2.68
C PRO B 34 25.93 -5.89 4.15
N ALA B 35 26.32 -4.98 5.05
CA ALA B 35 26.18 -5.18 6.48
C ALA B 35 24.72 -5.01 6.88
N VAL B 36 24.04 -4.15 6.14
CA VAL B 36 22.61 -3.96 6.31
C VAL B 36 21.95 -4.18 4.96
N LEU B 37 21.01 -5.12 4.90
CA LEU B 37 20.33 -5.45 3.66
C LEU B 37 19.24 -4.42 3.37
N GLN B 38 19.32 -3.76 2.21
CA GLN B 38 18.35 -2.73 1.86
C GLN B 38 17.16 -3.32 1.12
N LEU B 39 15.98 -3.19 1.73
CA LEU B 39 14.75 -3.64 1.09
C LEU B 39 13.96 -2.42 0.63
N CYS B 40 13.50 -2.44 -0.61
CA CYS B 40 12.71 -1.35 -1.15
C CYS B 40 11.31 -1.84 -1.49
N VAL B 41 10.31 -1.23 -0.84
CA VAL B 41 8.91 -1.51 -1.16
C VAL B 41 8.47 -0.49 -2.20
N VAL B 42 8.05 -0.98 -3.37
CA VAL B 42 7.81 -0.13 -4.52
C VAL B 42 6.38 -0.30 -5.04
N GLY B 43 5.64 0.80 -5.06
CA GLY B 43 4.25 0.75 -5.48
C GLY B 43 3.34 0.40 -4.34
N PRO B 44 2.00 0.49 -4.56
CA PRO B 44 0.98 0.21 -3.55
C PRO B 44 1.05 -1.22 -3.06
N THR B 45 1.03 -1.42 -1.75
CA THR B 45 1.09 -2.77 -1.16
C THR B 45 0.09 -2.93 -0.04
N GLU B 46 -0.40 -4.16 0.15
CA GLU B 46 -1.33 -4.44 1.24
C GLU B 46 -0.60 -5.03 2.43
N TYR B 47 0.49 -5.74 2.17
CA TYR B 47 1.05 -6.63 3.16
C TYR B 47 2.50 -6.30 3.52
N ALA B 48 2.93 -5.08 3.24
CA ALA B 48 4.33 -4.74 3.47
C ALA B 48 4.62 -4.09 4.84
N ASP B 49 3.59 -3.87 5.65
CA ASP B 49 3.79 -3.11 6.88
C ASP B 49 4.75 -3.79 7.84
N GLY B 50 4.75 -5.11 7.86
CA GLY B 50 5.69 -5.86 8.68
C GLY B 50 7.11 -5.65 8.21
N LEU B 51 7.32 -5.72 6.90
CA LEU B 51 8.64 -5.45 6.33
C LEU B 51 9.09 -4.06 6.75
N LEU B 52 8.20 -3.08 6.63
CA LEU B 52 8.57 -1.70 6.85
C LEU B 52 8.94 -1.39 8.29
N ARG B 53 8.49 -2.20 9.24
CA ARG B 53 8.91 -2.03 10.64
C ARG B 53 10.36 -2.46 10.85
N GLY B 54 10.89 -3.24 9.91
CA GLY B 54 12.26 -3.70 10.01
C GLY B 54 12.33 -5.17 10.38
N MET B 55 13.32 -5.86 9.84
CA MET B 55 13.50 -7.28 10.12
C MET B 55 14.97 -7.65 10.21
N VAL B 56 15.28 -8.70 10.95
CA VAL B 56 16.66 -9.15 11.11
C VAL B 56 16.79 -10.63 10.68
N GLN B 57 17.79 -10.92 9.86
CA GLN B 57 18.01 -12.28 9.41
C GLN B 57 18.54 -13.13 10.57
N ALA B 58 18.45 -14.44 10.41
CA ALA B 58 18.98 -15.36 11.41
C ALA B 58 20.45 -15.07 11.75
N ASN B 59 21.24 -14.79 10.72
CA ASN B 59 22.66 -14.46 10.90
C ASN B 59 22.92 -13.20 11.72
N GLY B 60 21.90 -12.37 11.89
CA GLY B 60 22.04 -11.12 12.63
C GLY B 60 22.02 -9.88 11.77
N ARG B 61 22.08 -10.05 10.45
CA ARG B 61 22.03 -8.89 9.56
C ARG B 61 20.67 -8.20 9.64
N ARG B 62 20.70 -6.89 9.84
CA ARG B 62 19.47 -6.11 9.88
C ARG B 62 18.95 -5.87 8.47
N VAL B 63 17.65 -6.04 8.25
CA VAL B 63 17.06 -5.64 6.97
C VAL B 63 16.32 -4.33 7.15
N HIS B 64 16.81 -3.28 6.49
CA HIS B 64 16.15 -1.98 6.52
C HIS B 64 15.24 -1.81 5.31
N ALA B 65 14.00 -1.40 5.56
CA ALA B 65 13.01 -1.26 4.50
C ALA B 65 12.43 0.13 4.46
N GLU B 66 12.26 0.67 3.27
CA GLU B 66 11.49 1.89 3.09
C GLU B 66 10.76 1.85 1.76
N ARG B 67 9.77 2.71 1.60
CA ARG B 67 9.13 2.83 0.31
C ARG B 67 9.97 3.72 -0.58
N ARG B 68 10.08 3.33 -1.84
CA ARG B 68 10.72 4.14 -2.84
C ARG B 68 9.76 4.21 -3.99
N ALA B 69 9.86 5.25 -4.80
CA ALA B 69 8.88 5.48 -5.87
C ALA B 69 9.18 4.65 -7.12
N VAL B 70 8.12 4.29 -7.84
CA VAL B 70 8.23 3.49 -9.05
C VAL B 70 9.19 4.10 -10.08
N ASP B 71 9.26 5.43 -10.09
CA ASP B 71 10.11 6.14 -11.05
C ASP B 71 11.40 6.68 -10.43
N ASN B 72 11.79 6.17 -9.26
CA ASN B 72 13.11 6.44 -8.72
C ASN B 72 14.11 5.70 -9.60
N PRO B 73 14.98 6.45 -10.29
CA PRO B 73 15.89 5.85 -11.26
C PRO B 73 17.02 5.07 -10.59
N ASP B 74 17.14 5.19 -9.27
CA ASP B 74 18.27 4.57 -8.56
C ASP B 74 17.91 3.35 -7.72
N LEU B 75 16.76 2.72 -8.02
CA LEU B 75 16.33 1.51 -7.30
C LEU B 75 17.40 0.41 -7.35
N GLY B 76 18.11 0.32 -8.46
CA GLY B 76 19.11 -0.71 -8.63
C GLY B 76 20.33 -0.60 -7.74
N THR B 77 20.67 0.63 -7.35
CA THR B 77 21.84 0.88 -6.48
C THR B 77 21.43 1.14 -5.03
N LEU B 78 20.18 1.55 -4.83
CA LEU B 78 19.65 1.84 -3.51
C LEU B 78 19.06 0.61 -2.82
N CYS B 79 18.67 -0.38 -3.62
CA CYS B 79 17.97 -1.55 -3.09
C CYS B 79 18.72 -2.86 -3.36
N ASN B 80 18.84 -3.69 -2.32
CA ASN B 80 19.30 -5.06 -2.52
C ASN B 80 18.12 -5.97 -2.83
N VAL B 81 16.97 -5.67 -2.21
CA VAL B 81 15.73 -6.42 -2.42
C VAL B 81 14.61 -5.47 -2.80
N ILE B 82 13.82 -5.84 -3.79
CA ILE B 82 12.62 -5.11 -4.15
C ILE B 82 11.41 -5.94 -3.80
N TYR B 83 10.46 -5.33 -3.14
CA TYR B 83 9.17 -5.95 -2.90
C TYR B 83 8.14 -5.14 -3.66
N LEU B 84 7.68 -5.69 -4.78
CA LEU B 84 6.95 -4.93 -5.79
C LEU B 84 5.44 -5.06 -5.65
N GLY B 85 4.76 -3.93 -5.50
CA GLY B 85 3.31 -3.93 -5.37
C GLY B 85 2.62 -3.68 -6.70
N VAL B 86 1.49 -3.01 -6.67
CA VAL B 86 0.72 -2.75 -7.89
C VAL B 86 1.44 -1.80 -8.84
N VAL B 87 1.79 -2.31 -10.01
CA VAL B 87 2.35 -1.47 -11.07
C VAL B 87 1.73 -1.90 -12.39
N ASP B 88 1.57 -0.95 -13.31
CA ASP B 88 1.16 -1.32 -14.66
C ASP B 88 2.38 -1.68 -15.49
N GLU B 89 2.14 -2.09 -16.74
CA GLU B 89 3.19 -2.59 -17.61
C GLU B 89 4.32 -1.58 -17.81
N ARG B 90 3.98 -0.30 -17.99
CA ARG B 90 5.00 0.71 -18.26
C ARG B 90 5.83 0.96 -17.00
N GLU B 91 5.20 0.83 -15.84
CA GLU B 91 5.85 1.07 -14.55
C GLU B 91 6.74 -0.11 -14.19
N ARG B 92 6.23 -1.32 -14.42
CA ARG B 92 7.01 -2.52 -14.19
C ARG B 92 8.28 -2.52 -15.04
N GLN B 93 8.15 -2.14 -16.31
CA GLN B 93 9.30 -2.08 -17.22
C GLN B 93 10.31 -1.04 -16.74
N GLN B 94 9.79 0.11 -16.31
CA GLN B 94 10.61 1.17 -15.74
C GLN B 94 11.42 0.64 -14.56
N VAL B 95 10.76 -0.09 -13.67
CA VAL B 95 11.40 -0.61 -12.47
C VAL B 95 12.53 -1.57 -12.84
N PHE B 96 12.21 -2.52 -13.70
CA PHE B 96 13.20 -3.52 -14.06
C PHE B 96 14.31 -3.00 -14.95
N ARG B 97 14.10 -1.84 -15.60
CA ARG B 97 15.21 -1.20 -16.29
C ARG B 97 16.18 -0.61 -15.28
N SER B 98 15.65 -0.13 -14.15
CA SER B 98 16.51 0.35 -13.06
C SER B 98 17.31 -0.78 -12.42
N LEU B 99 16.69 -1.96 -12.31
CA LEU B 99 17.33 -3.09 -11.66
C LEU B 99 18.34 -3.78 -12.59
N ALA B 100 18.29 -3.46 -13.88
CA ALA B 100 19.13 -4.13 -14.87
C ALA B 100 20.60 -3.96 -14.58
N GLY B 101 21.32 -5.07 -14.50
CA GLY B 101 22.76 -5.06 -14.27
C GLY B 101 23.14 -4.87 -12.81
N HIS B 102 22.15 -4.85 -11.93
CA HIS B 102 22.45 -4.74 -10.51
C HIS B 102 22.02 -6.02 -9.80
N PRO B 103 22.72 -6.36 -8.72
CA PRO B 103 22.37 -7.59 -8.01
C PRO B 103 21.23 -7.33 -7.04
N VAL B 104 20.00 -7.49 -7.53
CA VAL B 104 18.80 -7.15 -6.76
C VAL B 104 17.86 -8.33 -6.72
N LEU B 105 17.44 -8.75 -5.52
CA LEU B 105 16.40 -9.76 -5.38
C LEU B 105 15.03 -9.09 -5.56
N SER B 106 14.16 -9.67 -6.41
CA SER B 106 12.84 -9.09 -6.63
C SER B 106 11.71 -10.05 -6.28
N ILE B 107 10.74 -9.54 -5.53
CA ILE B 107 9.59 -10.32 -5.10
C ILE B 107 8.35 -9.46 -5.27
N SER B 108 7.33 -9.98 -5.95
CA SER B 108 6.10 -9.22 -6.12
C SER B 108 5.01 -9.73 -5.20
N GLU B 109 4.18 -8.82 -4.70
CA GLU B 109 3.13 -9.15 -3.73
C GLU B 109 1.96 -9.92 -4.37
N ARG B 110 1.61 -9.54 -5.60
CA ARG B 110 0.65 -10.31 -6.38
C ARG B 110 1.39 -11.13 -7.44
N GLY B 111 0.82 -11.24 -8.63
CA GLY B 111 1.49 -11.95 -9.70
C GLY B 111 0.69 -13.15 -10.18
N THR B 112 -0.33 -12.85 -10.97
CA THR B 112 -1.20 -13.86 -11.56
C THR B 112 -0.38 -14.93 -12.29
N GLU B 113 0.67 -14.51 -12.98
CA GLU B 113 1.38 -15.43 -13.87
C GLU B 113 2.86 -15.66 -13.53
N CYS B 114 3.56 -14.58 -13.14
CA CYS B 114 4.98 -14.67 -12.78
C CYS B 114 5.85 -15.11 -13.95
N SER B 115 5.54 -14.61 -15.14
CA SER B 115 6.28 -14.94 -16.37
C SER B 115 7.29 -13.86 -16.66
N VAL B 116 6.93 -12.63 -16.32
CA VAL B 116 7.79 -11.49 -16.59
C VAL B 116 7.91 -10.60 -15.37
N GLY B 117 9.14 -10.22 -15.05
CA GLY B 117 9.37 -9.31 -13.96
C GLY B 117 10.08 -9.94 -12.79
N SER B 118 9.39 -10.01 -11.65
CA SER B 118 10.01 -10.41 -10.41
C SER B 118 10.45 -11.86 -10.43
N MET B 119 11.46 -12.17 -9.60
CA MET B 119 11.98 -13.52 -9.48
C MET B 119 10.98 -14.42 -8.76
N PHE B 120 10.38 -13.91 -7.70
CA PHE B 120 9.39 -14.70 -6.97
C PHE B 120 8.11 -13.91 -6.86
N CYS B 121 6.99 -14.60 -6.93
CA CYS B 121 5.68 -13.94 -6.91
C CYS B 121 4.81 -14.56 -5.82
N LEU B 122 4.46 -13.77 -4.83
CA LEU B 122 3.65 -14.24 -3.72
C LEU B 122 2.18 -14.34 -4.11
N ASN B 123 1.51 -15.36 -3.59
CA ASN B 123 0.06 -15.43 -3.62
C ASN B 123 -0.35 -15.39 -2.16
N VAL B 124 -0.83 -14.24 -1.70
CA VAL B 124 -1.05 -14.02 -0.26
C VAL B 124 -2.44 -14.39 0.23
N GLY B 125 -3.47 -14.17 -0.58
CA GLY B 125 -4.80 -14.63 -0.21
C GLY B 125 -4.76 -16.15 -0.15
N GLY B 126 -5.67 -16.74 0.61
CA GLY B 126 -5.68 -18.19 0.72
C GLY B 126 -5.21 -18.65 2.07
N PRO B 127 -5.42 -19.94 2.39
CA PRO B 127 -5.13 -20.48 3.73
C PRO B 127 -3.69 -20.25 4.15
N ARG B 128 -2.76 -20.38 3.21
CA ARG B 128 -1.35 -20.12 3.48
C ARG B 128 -0.77 -19.35 2.32
N ILE B 129 0.24 -18.54 2.60
CA ILE B 129 1.00 -17.88 1.53
C ILE B 129 1.75 -18.92 0.71
N THR B 130 1.61 -18.83 -0.61
CA THR B 130 2.44 -19.63 -1.50
C THR B 130 3.15 -18.67 -2.42
N PHE B 131 4.19 -19.15 -3.10
CA PHE B 131 4.81 -18.30 -4.11
C PHE B 131 5.29 -19.12 -5.30
N GLU B 132 5.46 -18.45 -6.43
CA GLU B 132 6.04 -19.07 -7.61
C GLU B 132 7.40 -18.49 -7.91
N ALA B 133 8.20 -19.23 -8.67
CA ALA B 133 9.51 -18.76 -9.09
C ALA B 133 9.54 -18.50 -10.58
N ASN B 134 10.15 -17.38 -10.98
CA ASN B 134 10.41 -17.06 -12.38
C ASN B 134 11.88 -17.40 -12.68
N LEU B 135 12.13 -18.62 -13.14
CA LEU B 135 13.49 -19.14 -13.31
C LEU B 135 14.34 -18.25 -14.22
N ASP B 136 13.72 -17.66 -15.23
CA ASP B 136 14.45 -16.79 -16.13
C ASP B 136 14.88 -15.49 -15.44
N SER B 137 14.01 -14.93 -14.59
CA SER B 137 14.37 -13.72 -13.83
C SER B 137 15.48 -14.03 -12.85
N ILE B 138 15.37 -15.19 -12.20
CA ILE B 138 16.38 -15.65 -11.27
C ILE B 138 17.75 -15.74 -11.96
N ALA B 139 17.76 -16.24 -13.18
CA ALA B 139 19.01 -16.46 -13.89
C ALA B 139 19.64 -15.19 -14.43
N ARG B 140 18.84 -14.13 -14.61
CA ARG B 140 19.38 -12.88 -15.12
C ARG B 140 19.53 -11.84 -14.00
N SER B 141 19.43 -12.29 -12.76
CA SER B 141 19.24 -11.38 -11.62
C SER B 141 20.50 -10.78 -10.99
N GLY B 142 21.65 -11.41 -11.19
CA GLY B 142 22.87 -10.87 -10.61
C GLY B 142 23.16 -11.40 -9.21
N VAL B 143 22.14 -11.94 -8.55
CA VAL B 143 22.33 -12.58 -7.26
C VAL B 143 22.36 -14.09 -7.48
N ARG B 144 23.02 -14.83 -6.59
CA ARG B 144 22.96 -16.29 -6.67
C ARG B 144 21.77 -16.75 -5.85
N VAL B 145 21.08 -17.78 -6.34
CA VAL B 145 19.96 -18.34 -5.59
C VAL B 145 20.12 -19.86 -5.47
N HIS B 146 20.25 -20.35 -4.23
CA HIS B 146 20.29 -21.78 -3.99
C HIS B 146 18.97 -22.42 -4.41
N PRO B 147 19.05 -23.38 -5.35
CA PRO B 147 17.91 -24.06 -5.95
C PRO B 147 16.99 -24.74 -4.95
N SER B 148 17.47 -25.00 -3.74
CA SER B 148 16.62 -25.61 -2.73
C SER B 148 15.42 -24.74 -2.39
N VAL B 149 15.49 -23.45 -2.72
CA VAL B 149 14.40 -22.53 -2.41
C VAL B 149 13.15 -22.90 -3.21
N LEU B 150 13.36 -23.60 -4.31
CA LEU B 150 12.25 -24.02 -5.15
C LEU B 150 11.39 -25.07 -4.43
N LYS B 151 11.96 -25.75 -3.44
CA LYS B 151 11.19 -26.71 -2.67
C LYS B 151 10.17 -26.00 -1.80
N LEU B 152 10.35 -24.69 -1.62
CA LEU B 152 9.46 -23.89 -0.78
C LEU B 152 8.42 -23.18 -1.62
N ALA B 153 8.55 -23.32 -2.94
CA ALA B 153 7.63 -22.68 -3.86
C ALA B 153 6.50 -23.62 -4.19
N ARG B 154 5.58 -23.15 -5.02
CA ARG B 154 4.41 -23.92 -5.41
C ARG B 154 4.67 -24.67 -6.72
S SO4 C . -10.02 -7.99 8.41
O1 SO4 C . -8.82 -7.81 7.59
O2 SO4 C . -10.84 -6.79 8.34
O3 SO4 C . -9.63 -8.24 9.80
O4 SO4 C . -10.76 -9.13 7.90
OP4 UEG D . -23.48 17.29 1.11
C5A UEG D . -23.79 18.43 0.35
C5 UEG D . -22.54 18.76 -0.41
C6 UEG D . -21.46 17.91 -0.21
N1 UEG D . -20.30 18.13 -0.86
C2 UEG D . -20.20 19.20 -1.71
C3 UEG D . -21.27 20.05 -1.90
C4 UEG D . -22.45 19.83 -1.26
C4A UEG D . -23.61 20.78 -1.48
O4A UEG D . -24.76 20.12 -1.99
O3 UEG D . -21.14 21.14 -2.78
C2A UEG D . -18.89 19.43 -2.42
S SO4 E . 12.09 8.02 -2.81
O1 SO4 E . 12.26 6.95 -3.78
O2 SO4 E . 11.49 9.16 -3.50
O3 SO4 E . 13.39 8.37 -2.27
O4 SO4 E . 11.20 7.61 -1.72
#